data_7EAS
#
_entry.id   7EAS
#
_cell.length_a   109.317
_cell.length_b   109.317
_cell.length_c   85.087
_cell.angle_alpha   90.000
_cell.angle_beta   90.000
_cell.angle_gamma   120.000
#
_symmetry.space_group_name_H-M   'P 64'
#
loop_
_entity.id
_entity.type
_entity.pdbx_description
1 polymer '[Pyruvate dehydrogenase (acetyl-transferring)] kinase isozyme 2, mitochondrial'
2 non-polymer 'CHLORIDE ION'
3 non-polymer 'ACETATE ION'
4 non-polymer 'DIMETHYL SULFOXIDE'
5 non-polymer 1H-pyrrolo[2,3-b]pyridine-3-carbonitrile
6 water water
#
_entity_poly.entity_id   1
_entity_poly.type   'polypeptide(L)'
_entity_poly.pdbx_seq_one_letter_code
;GSAPKYIEHFSKFSPSPLSMKQFLDFGSSNACEKTSFTFLRQELPVRLANIMKEINLLPDRVLSTPSVQLVQSWYVQSLL
DIMEFLDKDPEDHRTLSQFTDALVTIRNRHNDVVPTMAQGVLEYKDTYGDDPVSNQNIQYFLDRFYLSRISIRMLINQHT
LIFDGSTNPAHPKHIGSIDPNCNVSEVVKDAYDMAKLLCDKYYMASPDLEIQEINAANSKQPIHMVYVPSHLYHMLFELF
KNAMRATVESHESSLILPPIKVMVALGEEDLSIKMSDRGGGVPLRKIERLFSYMYSTAPTPQPGTGGTPLAGFGYGLPIS
RLYAKYFQGDLQLFSMEGFGTDAVIYLKALSTDSVERLPVYNKSAWRHYQTIQEAGDWCVPSTEPKNTSTYRVS
;
_entity_poly.pdbx_strand_id   A
#
loop_
_chem_comp.id
_chem_comp.type
_chem_comp.name
_chem_comp.formula
42A non-polymer 1H-pyrrolo[2,3-b]pyridine-3-carbonitrile 'C8 H5 N3'
ACT non-polymer 'ACETATE ION' 'C2 H3 O2 -1'
CL non-polymer 'CHLORIDE ION' 'Cl -1'
DMS non-polymer 'DIMETHYL SULFOXIDE' 'C2 H6 O S'
#
# COMPACT_ATOMS: atom_id res chain seq x y z
N GLY A 1 -15.40 27.27 -13.74
CA GLY A 1 -15.53 26.23 -12.70
C GLY A 1 -14.92 26.65 -11.39
N SER A 2 -15.31 26.00 -10.29
CA SER A 2 -14.79 26.35 -8.95
C SER A 2 -13.75 25.34 -8.47
N ALA A 3 -13.35 24.39 -9.32
CA ALA A 3 -12.33 23.38 -8.95
C ALA A 3 -11.05 24.08 -8.44
N PRO A 4 -10.38 25.02 -9.16
CA PRO A 4 -9.20 25.68 -8.58
C PRO A 4 -9.49 26.32 -7.23
N LYS A 5 -10.68 26.89 -7.08
CA LYS A 5 -11.07 27.52 -5.81
C LYS A 5 -11.14 26.50 -4.69
N TYR A 6 -11.76 25.35 -4.96
CA TYR A 6 -11.87 24.31 -3.92
C TYR A 6 -10.50 23.82 -3.50
N ILE A 7 -9.60 23.57 -4.47
CA ILE A 7 -8.27 23.08 -4.14
C ILE A 7 -7.57 24.06 -3.20
N GLU A 8 -7.59 25.35 -3.56
CA GLU A 8 -6.93 26.35 -2.73
C GLU A 8 -7.50 26.37 -1.31
N HIS A 9 -8.83 26.28 -1.18
CA HIS A 9 -9.45 26.35 0.13
C HIS A 9 -9.08 25.14 0.98
N PHE A 10 -9.36 23.93 0.49
CA PHE A 10 -9.16 22.73 1.29
C PHE A 10 -7.70 22.37 1.45
N SER A 11 -6.82 22.86 0.58
CA SER A 11 -5.39 22.66 0.77
C SER A 11 -4.87 23.40 2.00
N LYS A 12 -5.62 24.40 2.49
CA LYS A 12 -5.22 25.09 3.70
C LYS A 12 -5.29 24.18 4.92
N PHE A 13 -6.19 23.20 4.89
CA PHE A 13 -6.36 22.28 6.02
C PHE A 13 -5.30 21.18 5.98
N SER A 14 -4.96 20.66 7.15
CA SER A 14 -4.05 19.54 7.23
C SER A 14 -4.83 18.24 7.34
N PRO A 15 -4.41 17.17 6.66
CA PRO A 15 -5.07 15.87 6.86
C PRO A 15 -5.00 15.45 8.32
N SER A 16 -5.99 14.67 8.74
CA SER A 16 -6.06 14.17 10.11
C SER A 16 -5.75 12.68 10.13
N PRO A 17 -4.56 12.26 10.55
CA PRO A 17 -4.25 10.83 10.60
C PRO A 17 -5.02 10.13 11.72
N LEU A 18 -5.52 8.94 11.41
CA LEU A 18 -6.31 8.15 12.35
C LEU A 18 -5.49 6.97 12.86
N SER A 19 -5.80 6.55 14.09
CA SER A 19 -5.18 5.39 14.70
C SER A 19 -6.07 4.16 14.51
N MET A 20 -5.49 2.99 14.79
CA MET A 20 -6.27 1.76 14.71
C MET A 20 -7.49 1.80 15.62
N LYS A 21 -7.33 2.35 16.82
CA LYS A 21 -8.46 2.47 17.74
C LYS A 21 -9.57 3.30 17.12
N GLN A 22 -9.22 4.44 16.52
CA GLN A 22 -10.23 5.28 15.89
C GLN A 22 -10.92 4.54 14.75
N PHE A 23 -10.18 3.73 13.99
CA PHE A 23 -10.81 2.94 12.94
C PHE A 23 -11.80 1.94 13.54
N LEU A 24 -11.41 1.27 14.63
CA LEU A 24 -12.32 0.32 15.26
C LEU A 24 -13.55 0.99 15.83
N ASP A 25 -13.41 2.23 16.31
CA ASP A 25 -14.57 2.94 16.85
C ASP A 25 -15.54 3.33 15.76
N PHE A 26 -15.03 3.84 14.62
CA PHE A 26 -15.91 4.19 13.52
C PHE A 26 -16.71 2.99 13.03
N GLY A 27 -16.10 1.80 13.06
CA GLY A 27 -16.72 0.59 12.56
C GLY A 27 -17.31 -0.31 13.63
N SER A 28 -17.45 0.17 14.87
CA SER A 28 -17.95 -0.68 15.94
C SER A 28 -19.37 -1.15 15.65
N SER A 29 -20.19 -0.30 15.03
CA SER A 29 -21.58 -0.64 14.76
C SER A 29 -22.08 0.22 13.62
N ASN A 30 -23.24 -0.18 13.07
CA ASN A 30 -23.87 0.58 12.00
C ASN A 30 -24.44 1.91 12.48
N ALA A 31 -24.56 2.10 13.79
CA ALA A 31 -25.09 3.35 14.32
C ALA A 31 -24.17 4.53 14.05
N CYS A 32 -22.90 4.27 13.70
CA CYS A 32 -21.91 5.31 13.52
C CYS A 32 -21.81 5.79 12.08
N GLU A 33 -22.74 5.38 11.21
CA GLU A 33 -22.64 5.78 9.80
C GLU A 33 -22.69 7.29 9.65
N LYS A 34 -23.52 7.96 10.45
CA LYS A 34 -23.64 9.41 10.34
C LYS A 34 -22.33 10.10 10.71
N THR A 35 -21.67 9.64 11.77
CA THR A 35 -20.39 10.22 12.15
C THR A 35 -19.35 10.00 11.07
N SER A 36 -19.32 8.81 10.47
CA SER A 36 -18.39 8.54 9.39
C SER A 36 -18.65 9.46 8.20
N PHE A 37 -19.93 9.69 7.88
CA PHE A 37 -20.26 10.58 6.77
C PHE A 37 -19.82 12.01 7.06
N THR A 38 -20.09 12.50 8.26
CA THR A 38 -19.72 13.87 8.61
C THR A 38 -18.21 14.05 8.57
N PHE A 39 -17.47 13.04 9.02
CA PHE A 39 -16.01 13.14 9.00
C PHE A 39 -15.48 13.08 7.58
N LEU A 40 -15.98 12.14 6.77
CA LEU A 40 -15.40 11.91 5.46
C LEU A 40 -15.72 13.02 4.46
N ARG A 41 -16.90 13.64 4.56
CA ARG A 41 -17.25 14.68 3.60
C ARG A 41 -16.37 15.90 3.73
N GLN A 42 -15.69 16.07 4.87
CA GLN A 42 -14.68 17.10 5.05
C GLN A 42 -13.26 16.57 4.84
N GLU A 43 -12.97 15.37 5.37
CA GLU A 43 -11.60 14.87 5.36
C GLU A 43 -11.14 14.49 3.95
N LEU A 44 -12.05 13.85 3.21
CA LEU A 44 -11.74 13.36 1.83
C LEU A 44 -11.49 14.56 0.92
N PRO A 45 -12.26 15.67 0.92
CA PRO A 45 -11.90 16.86 0.15
C PRO A 45 -10.57 17.48 0.61
N VAL A 46 -10.22 17.38 1.89
CA VAL A 46 -8.91 17.88 2.41
C VAL A 46 -7.81 17.05 1.76
N ARG A 47 -7.75 15.73 1.94
CA ARG A 47 -6.70 14.85 1.44
C ARG A 47 -6.58 14.95 -0.08
N LEU A 48 -7.73 15.02 -0.77
CA LEU A 48 -7.77 15.13 -2.25
C LEU A 48 -7.14 16.46 -2.65
N ALA A 49 -7.46 17.58 -1.99
CA ALA A 49 -6.97 18.90 -2.37
C ALA A 49 -5.48 19.04 -2.11
N ASN A 50 -4.99 18.44 -1.02
CA ASN A 50 -3.57 18.57 -0.69
C ASN A 50 -2.69 17.91 -1.75
N ILE A 51 -3.05 16.70 -2.17
CA ILE A 51 -2.27 15.99 -3.21
C ILE A 51 -2.53 16.64 -4.57
N MET A 52 -3.73 17.20 -4.81
CA MET A 52 -4.01 17.89 -6.06
C MET A 52 -3.23 19.19 -6.17
N LYS A 53 -3.00 19.88 -5.05
CA LYS A 53 -2.18 21.08 -5.09
C LYS A 53 -0.73 20.75 -5.41
N GLU A 54 -0.21 19.64 -4.87
CA GLU A 54 1.15 19.24 -5.18
C GLU A 54 1.29 18.84 -6.65
N ILE A 55 0.25 18.20 -7.21
CA ILE A 55 0.28 17.86 -8.63
C ILE A 55 0.37 19.12 -9.48
N ASN A 56 -0.40 20.16 -9.12
CA ASN A 56 -0.38 21.39 -9.89
C ASN A 56 0.96 22.12 -9.80
N LEU A 57 1.78 21.81 -8.81
CA LEU A 57 3.09 22.44 -8.65
C LEU A 57 4.20 21.66 -9.33
N LEU A 58 3.89 20.58 -10.04
CA LEU A 58 4.89 19.86 -10.81
C LEU A 58 5.37 20.73 -11.98
N PRO A 59 6.57 20.47 -12.50
CA PRO A 59 7.04 21.23 -13.66
C PRO A 59 6.11 21.06 -14.84
N ASP A 60 6.12 22.05 -15.73
CA ASP A 60 5.19 22.06 -16.86
C ASP A 60 5.40 20.86 -17.77
N ARG A 61 6.63 20.35 -17.86
CA ARG A 61 6.88 19.20 -18.73
C ARG A 61 6.24 17.93 -18.17
N VAL A 62 6.12 17.82 -16.85
CA VAL A 62 5.41 16.70 -16.27
C VAL A 62 3.91 16.96 -16.23
N LEU A 63 3.52 18.19 -15.86
CA LEU A 63 2.11 18.49 -15.68
C LEU A 63 1.33 18.43 -16.99
N SER A 64 1.98 18.76 -18.11
CA SER A 64 1.30 18.80 -19.40
C SER A 64 1.16 17.44 -20.06
N THR A 65 1.70 16.38 -19.47
CA THR A 65 1.63 15.06 -20.08
C THR A 65 0.20 14.53 -20.01
N PRO A 66 -0.19 13.68 -20.96
CA PRO A 66 -1.55 13.11 -20.90
C PRO A 66 -1.81 12.26 -19.67
N SER A 67 -0.78 11.60 -19.13
N SER A 67 -0.78 11.60 -19.13
CA SER A 67 -0.98 10.75 -17.96
CA SER A 67 -0.98 10.75 -17.96
C SER A 67 -1.37 11.59 -16.74
C SER A 67 -1.37 11.59 -16.74
N VAL A 68 -0.63 12.68 -16.49
CA VAL A 68 -0.93 13.52 -15.34
C VAL A 68 -2.27 14.23 -15.53
N GLN A 69 -2.54 14.71 -16.73
CA GLN A 69 -3.81 15.40 -16.98
C GLN A 69 -4.98 14.44 -16.82
N LEU A 70 -4.80 13.18 -17.22
CA LEU A 70 -5.87 12.19 -17.04
C LEU A 70 -6.11 11.93 -15.56
N VAL A 71 -5.03 11.68 -14.81
CA VAL A 71 -5.11 11.41 -13.34
C VAL A 71 -5.74 12.64 -12.68
N GLN A 72 -5.27 13.85 -13.02
CA GLN A 72 -5.79 15.07 -12.42
C GLN A 72 -7.28 15.22 -12.70
N SER A 73 -7.71 14.84 -13.91
CA SER A 73 -9.13 14.95 -14.25
C SER A 73 -9.96 14.04 -13.35
N TRP A 74 -9.43 12.87 -12.98
CA TRP A 74 -10.14 11.89 -12.12
C TRP A 74 -10.15 12.41 -10.68
N TYR A 75 -9.21 13.28 -10.30
CA TYR A 75 -9.10 13.84 -8.93
C TYR A 75 -10.02 15.05 -8.82
N VAL A 76 -10.20 15.80 -9.91
CA VAL A 76 -11.12 16.93 -9.93
C VAL A 76 -12.56 16.44 -9.86
N GLN A 77 -12.89 15.41 -10.65
CA GLN A 77 -14.25 14.89 -10.63
C GLN A 77 -14.58 14.25 -9.29
N SER A 78 -13.65 13.48 -8.73
CA SER A 78 -13.89 12.87 -7.42
C SER A 78 -14.10 13.93 -6.35
N LEU A 79 -13.28 14.98 -6.38
CA LEU A 79 -13.47 16.09 -5.43
C LEU A 79 -14.87 16.68 -5.57
N LEU A 80 -15.26 17.04 -6.79
CA LEU A 80 -16.57 17.64 -7.01
C LEU A 80 -17.69 16.71 -6.55
N ASP A 81 -17.52 15.40 -6.76
CA ASP A 81 -18.54 14.45 -6.31
C ASP A 81 -18.76 14.53 -4.81
N ILE A 82 -17.68 14.66 -4.04
CA ILE A 82 -17.81 14.72 -2.59
C ILE A 82 -18.36 16.08 -2.15
N MET A 83 -17.97 17.15 -2.85
CA MET A 83 -18.44 18.48 -2.49
C MET A 83 -19.96 18.57 -2.49
N GLU A 84 -20.63 17.75 -3.32
CA GLU A 84 -22.09 17.83 -3.42
C GLU A 84 -22.76 17.50 -2.09
N PHE A 85 -22.10 16.69 -1.25
CA PHE A 85 -22.69 16.22 -0.01
C PHE A 85 -22.45 17.15 1.17
N LEU A 86 -21.76 18.28 0.97
CA LEU A 86 -21.41 19.14 2.10
C LEU A 86 -22.65 19.78 2.72
N ASP A 87 -23.63 20.16 1.90
CA ASP A 87 -24.83 20.81 2.41
C ASP A 87 -25.96 19.83 2.69
N LYS A 88 -25.79 18.55 2.38
CA LYS A 88 -26.85 17.58 2.59
C LYS A 88 -27.00 17.27 4.08
N ASP A 89 -28.15 16.68 4.43
CA ASP A 89 -28.49 16.45 5.82
C ASP A 89 -28.11 15.03 6.22
N PRO A 90 -27.28 14.84 7.26
CA PRO A 90 -26.93 13.46 7.65
C PRO A 90 -28.10 12.64 8.12
N GLU A 91 -29.13 13.26 8.69
CA GLU A 91 -30.26 12.51 9.23
C GLU A 91 -31.06 11.81 8.15
N ASP A 92 -30.93 12.23 6.89
CA ASP A 92 -31.66 11.61 5.80
C ASP A 92 -30.94 10.36 5.33
N HIS A 93 -31.60 9.21 5.46
CA HIS A 93 -30.97 7.95 5.06
C HIS A 93 -30.58 7.96 3.59
N ARG A 94 -31.36 8.63 2.75
CA ARG A 94 -31.01 8.70 1.32
C ARG A 94 -29.67 9.38 1.12
N THR A 95 -29.39 10.44 1.89
CA THR A 95 -28.10 11.10 1.79
C THR A 95 -26.95 10.13 2.10
N LEU A 96 -27.13 9.29 3.12
CA LEU A 96 -26.08 8.34 3.49
C LEU A 96 -25.92 7.27 2.43
N SER A 97 -27.03 6.72 1.93
CA SER A 97 -26.95 5.69 0.89
C SER A 97 -26.29 6.22 -0.36
N GLN A 98 -26.63 7.46 -0.75
CA GLN A 98 -26.02 8.06 -1.93
C GLN A 98 -24.52 8.31 -1.72
N PHE A 99 -24.12 8.66 -0.49
CA PHE A 99 -22.71 8.88 -0.22
C PHE A 99 -21.91 7.60 -0.42
N THR A 100 -22.42 6.47 0.08
CA THR A 100 -21.73 5.20 -0.10
C THR A 100 -21.59 4.86 -1.59
N ASP A 101 -22.66 5.03 -2.35
CA ASP A 101 -22.59 4.77 -3.79
C ASP A 101 -21.58 5.68 -4.46
N ALA A 102 -21.49 6.93 -4.02
CA ALA A 102 -20.53 7.85 -4.62
C ALA A 102 -19.10 7.43 -4.32
N LEU A 103 -18.85 6.88 -3.13
CA LEU A 103 -17.50 6.45 -2.79
C LEU A 103 -17.08 5.24 -3.62
N VAL A 104 -18.00 4.30 -3.86
CA VAL A 104 -17.68 3.14 -4.68
C VAL A 104 -17.32 3.59 -6.09
N THR A 105 -18.07 4.55 -6.64
CA THR A 105 -17.77 5.07 -7.98
C THR A 105 -16.38 5.73 -8.00
N ILE A 106 -16.10 6.57 -7.00
CA ILE A 106 -14.80 7.23 -6.94
C ILE A 106 -13.68 6.20 -6.89
N ARG A 107 -13.83 5.18 -6.03
CA ARG A 107 -12.81 4.15 -5.93
C ARG A 107 -12.55 3.48 -7.27
N ASN A 108 -13.64 3.08 -7.96
CA ASN A 108 -13.48 2.42 -9.25
C ASN A 108 -12.87 3.35 -10.29
N ARG A 109 -13.17 4.65 -10.22
CA ARG A 109 -12.64 5.59 -11.20
C ARG A 109 -11.12 5.64 -11.16
N HIS A 110 -10.53 5.41 -9.97
CA HIS A 110 -9.06 5.50 -9.75
C HIS A 110 -8.40 4.12 -9.79
N ASN A 111 -9.09 3.07 -10.21
CA ASN A 111 -8.56 1.68 -10.11
C ASN A 111 -7.33 1.50 -11.00
N ASP A 112 -7.14 2.31 -12.05
CA ASP A 112 -6.05 2.12 -12.99
C ASP A 112 -4.97 3.20 -12.88
N VAL A 113 -4.87 3.87 -11.72
CA VAL A 113 -3.91 5.01 -11.55
C VAL A 113 -2.47 4.52 -11.41
N VAL A 114 -2.22 3.28 -11.00
CA VAL A 114 -0.83 2.79 -10.77
C VAL A 114 -0.22 2.45 -12.13
N PRO A 115 -0.88 1.70 -13.05
CA PRO A 115 -0.33 1.51 -14.42
C PRO A 115 -0.30 2.78 -15.24
N THR A 116 -1.22 3.72 -14.98
CA THR A 116 -1.21 4.98 -15.71
C THR A 116 0.01 5.82 -15.32
N MET A 117 0.27 5.94 -14.02
CA MET A 117 1.44 6.70 -13.53
C MET A 117 2.72 5.98 -13.96
N ALA A 118 2.72 4.64 -14.12
CA ALA A 118 3.88 3.92 -14.63
C ALA A 118 4.14 4.25 -16.09
N GLN A 119 3.06 4.42 -16.87
CA GLN A 119 3.21 4.87 -18.25
C GLN A 119 3.85 6.25 -18.31
N GLY A 120 3.49 7.13 -17.37
CA GLY A 120 4.09 8.45 -17.36
C GLY A 120 5.58 8.42 -17.04
N VAL A 121 5.99 7.52 -16.16
CA VAL A 121 7.41 7.40 -15.83
C VAL A 121 8.20 6.93 -17.06
N LEU A 122 7.67 5.93 -17.76
CA LEU A 122 8.34 5.46 -18.97
C LEU A 122 8.44 6.56 -20.01
N GLU A 123 7.37 7.36 -20.16
CA GLU A 123 7.41 8.47 -21.10
C GLU A 123 8.48 9.48 -20.71
N TYR A 124 8.60 9.79 -19.42
CA TYR A 124 9.60 10.75 -18.98
C TYR A 124 11.02 10.25 -19.30
N LYS A 125 11.30 8.98 -19.04
CA LYS A 125 12.62 8.44 -19.31
C LYS A 125 13.00 8.60 -20.78
N ASP A 126 12.04 8.37 -21.69
CA ASP A 126 12.33 8.45 -23.11
C ASP A 126 12.30 9.88 -23.63
N THR A 127 11.55 10.77 -22.96
CA THR A 127 11.44 12.15 -23.44
C THR A 127 12.50 13.07 -22.85
N TYR A 128 12.94 12.83 -21.62
CA TYR A 128 13.90 13.70 -20.96
C TYR A 128 15.08 12.98 -20.33
N GLY A 129 15.03 11.66 -20.15
CA GLY A 129 16.17 10.90 -19.67
C GLY A 129 15.95 10.37 -18.27
N ASP A 130 16.92 9.58 -17.82
CA ASP A 130 16.86 8.92 -16.53
C ASP A 130 18.00 9.38 -15.62
N ASP A 131 18.16 10.70 -15.49
CA ASP A 131 19.22 11.25 -14.66
C ASP A 131 18.88 11.06 -13.17
N PRO A 132 19.89 11.14 -12.30
CA PRO A 132 19.61 10.94 -10.87
C PRO A 132 18.68 11.98 -10.28
N VAL A 133 18.81 13.25 -10.67
CA VAL A 133 17.94 14.29 -10.13
C VAL A 133 16.49 14.00 -10.48
N SER A 134 16.24 13.58 -11.72
CA SER A 134 14.88 13.19 -12.11
C SER A 134 14.38 12.03 -11.27
N ASN A 135 15.27 11.07 -10.97
CA ASN A 135 14.88 9.92 -10.17
C ASN A 135 14.39 10.36 -8.78
N GLN A 136 15.12 11.28 -8.15
CA GLN A 136 14.74 11.71 -6.80
C GLN A 136 13.40 12.43 -6.82
N ASN A 137 13.22 13.35 -7.77
CA ASN A 137 11.96 14.10 -7.83
C ASN A 137 10.78 13.18 -8.10
N ILE A 138 10.96 12.22 -9.03
CA ILE A 138 9.89 11.26 -9.31
C ILE A 138 9.64 10.39 -8.09
N GLN A 139 10.70 9.90 -7.44
CA GLN A 139 10.53 9.07 -6.26
C GLN A 139 9.82 9.83 -5.15
N TYR A 140 10.23 11.09 -4.94
CA TYR A 140 9.61 11.90 -3.90
C TYR A 140 8.11 12.07 -4.15
N PHE A 141 7.74 12.39 -5.39
CA PHE A 141 6.34 12.64 -5.69
C PHE A 141 5.50 11.37 -5.64
N LEU A 142 5.99 10.29 -6.27
CA LEU A 142 5.19 9.07 -6.34
C LEU A 142 5.02 8.42 -4.98
N ASP A 143 6.06 8.45 -4.14
CA ASP A 143 5.91 7.94 -2.78
C ASP A 143 4.79 8.67 -2.04
N ARG A 144 4.75 9.99 -2.17
CA ARG A 144 3.71 10.77 -1.51
C ARG A 144 2.36 10.57 -2.18
N PHE A 145 2.33 10.49 -3.51
CA PHE A 145 1.09 10.33 -4.29
C PHE A 145 0.48 8.95 -4.04
N TYR A 146 1.31 7.92 -3.86
CA TYR A 146 0.83 6.53 -3.69
C TYR A 146 0.48 6.31 -2.22
N LEU A 147 1.14 6.99 -1.28
CA LEU A 147 0.77 6.91 0.14
C LEU A 147 -0.55 7.64 0.38
N SER A 148 -0.73 8.81 -0.23
CA SER A 148 -2.02 9.48 -0.18
C SER A 148 -3.12 8.56 -0.69
N ARG A 149 -2.89 7.94 -1.86
CA ARG A 149 -3.89 7.04 -2.49
C ARG A 149 -4.24 5.93 -1.50
N ILE A 150 -3.24 5.28 -0.89
CA ILE A 150 -3.50 4.20 0.05
C ILE A 150 -4.38 4.69 1.19
N SER A 151 -4.09 5.88 1.72
CA SER A 151 -4.85 6.38 2.85
C SER A 151 -6.29 6.68 2.47
N ILE A 152 -6.51 7.20 1.26
CA ILE A 152 -7.88 7.61 0.79
C ILE A 152 -8.67 6.33 0.53
N ARG A 153 -8.04 5.30 -0.03
CA ARG A 153 -8.73 4.01 -0.36
C ARG A 153 -8.99 3.25 0.93
N MET A 154 -8.19 3.40 1.99
CA MET A 154 -8.46 2.81 3.29
C MET A 154 -9.74 3.40 3.89
N LEU A 155 -9.85 4.72 3.92
CA LEU A 155 -11.04 5.35 4.46
C LEU A 155 -12.29 4.92 3.69
N ILE A 156 -12.21 4.88 2.36
CA ILE A 156 -13.38 4.51 1.56
C ILE A 156 -13.77 3.06 1.83
N ASN A 157 -12.78 2.16 1.93
CA ASN A 157 -13.09 0.75 2.13
C ASN A 157 -13.75 0.52 3.48
N GLN A 158 -13.30 1.22 4.52
CA GLN A 158 -13.89 1.04 5.84
C GLN A 158 -15.35 1.46 5.87
N HIS A 159 -15.69 2.54 5.16
CA HIS A 159 -17.08 3.01 5.16
C HIS A 159 -17.96 2.07 4.34
N THR A 160 -17.53 1.72 3.12
CA THR A 160 -18.37 0.91 2.24
C THR A 160 -18.52 -0.52 2.75
N LEU A 161 -17.47 -1.07 3.37
CA LEU A 161 -17.53 -2.46 3.81
C LEU A 161 -18.40 -2.63 5.04
N ILE A 162 -18.39 -1.66 5.95
CA ILE A 162 -19.11 -1.77 7.21
C ILE A 162 -20.54 -1.27 7.07
N PHE A 163 -20.73 -0.12 6.45
CA PHE A 163 -22.07 0.46 6.27
C PHE A 163 -22.64 0.01 4.93
N ASP A 164 -22.87 -1.30 4.84
CA ASP A 164 -23.37 -1.94 3.63
C ASP A 164 -24.85 -2.31 3.73
N GLY A 165 -25.56 -1.77 4.71
CA GLY A 165 -26.95 -2.14 4.92
C GLY A 165 -27.15 -3.46 5.62
N PRO A 172 -18.72 -7.41 14.61
CA PRO A 172 -18.38 -8.73 14.08
C PRO A 172 -16.93 -9.11 14.38
N LYS A 173 -16.47 -10.22 13.82
CA LYS A 173 -15.08 -10.62 13.99
C LYS A 173 -14.14 -9.65 13.27
N HIS A 174 -14.46 -9.34 12.02
CA HIS A 174 -13.66 -8.40 11.23
C HIS A 174 -14.36 -7.05 11.19
N ILE A 175 -13.58 -5.97 11.30
CA ILE A 175 -14.10 -4.62 11.21
C ILE A 175 -13.72 -4.05 9.85
N GLY A 176 -14.55 -4.31 8.84
CA GLY A 176 -14.23 -3.91 7.48
C GLY A 176 -13.01 -4.66 6.99
N SER A 177 -11.95 -3.93 6.64
CA SER A 177 -10.71 -4.52 6.19
C SER A 177 -9.74 -4.81 7.34
N ILE A 178 -10.12 -4.50 8.57
CA ILE A 178 -9.26 -4.69 9.74
C ILE A 178 -9.64 -5.99 10.43
N ASP A 179 -8.64 -6.80 10.75
CA ASP A 179 -8.84 -8.03 11.52
C ASP A 179 -8.25 -7.82 12.90
N PRO A 180 -9.05 -7.69 13.96
CA PRO A 180 -8.49 -7.46 15.30
C PRO A 180 -7.73 -8.65 15.87
N ASN A 181 -7.84 -9.83 15.27
CA ASN A 181 -7.12 -11.03 15.70
C ASN A 181 -6.44 -11.68 14.51
N CYS A 182 -5.70 -10.88 13.75
CA CYS A 182 -5.02 -11.37 12.56
C CYS A 182 -3.90 -12.33 12.96
N ASN A 183 -4.01 -13.58 12.53
CA ASN A 183 -2.96 -14.57 12.72
C ASN A 183 -1.96 -14.43 11.58
N VAL A 184 -0.76 -13.93 11.89
CA VAL A 184 0.19 -13.59 10.86
C VAL A 184 0.59 -14.83 10.05
N SER A 185 0.83 -15.95 10.74
CA SER A 185 1.29 -17.14 10.05
C SER A 185 0.29 -17.61 9.00
N GLU A 186 -1.00 -17.47 9.29
CA GLU A 186 -2.02 -17.87 8.32
C GLU A 186 -1.94 -17.00 7.06
N VAL A 187 -1.69 -15.71 7.23
CA VAL A 187 -1.54 -14.84 6.06
C VAL A 187 -0.28 -15.20 5.30
N VAL A 188 0.79 -15.56 6.00
CA VAL A 188 2.01 -15.99 5.33
C VAL A 188 1.73 -17.23 4.48
N LYS A 189 1.01 -18.20 5.04
CA LYS A 189 0.70 -19.41 4.29
C LYS A 189 -0.14 -19.09 3.06
N ASP A 190 -1.13 -18.22 3.20
CA ASP A 190 -1.99 -17.87 2.07
C ASP A 190 -1.18 -17.26 0.94
N ALA A 191 -0.30 -16.31 1.27
CA ALA A 191 0.50 -15.66 0.24
C ALA A 191 1.47 -16.64 -0.41
N TYR A 192 2.09 -17.52 0.39
CA TYR A 192 2.96 -18.53 -0.17
C TYR A 192 2.19 -19.45 -1.12
N ASP A 193 1.01 -19.90 -0.71
CA ASP A 193 0.24 -20.82 -1.53
C ASP A 193 -0.08 -20.20 -2.89
N MET A 194 -0.42 -18.92 -2.92
CA MET A 194 -0.70 -18.25 -4.19
C MET A 194 0.57 -18.14 -5.02
N ALA A 195 1.67 -17.71 -4.40
CA ALA A 195 2.93 -17.62 -5.13
C ALA A 195 3.37 -19.00 -5.61
N LYS A 196 3.13 -20.05 -4.82
CA LYS A 196 3.50 -21.40 -5.23
C LYS A 196 2.72 -21.82 -6.46
N LEU A 197 1.41 -21.56 -6.48
CA LEU A 197 0.59 -21.92 -7.63
C LEU A 197 1.14 -21.30 -8.91
N LEU A 198 1.46 -20.01 -8.86
CA LEU A 198 2.04 -19.34 -10.03
C LEU A 198 3.42 -19.89 -10.34
N CYS A 199 4.20 -20.22 -9.30
CA CYS A 199 5.55 -20.74 -9.53
C CYS A 199 5.51 -22.10 -10.19
N ASP A 200 4.65 -23.01 -9.69
CA ASP A 200 4.55 -24.33 -10.29
C ASP A 200 4.07 -24.25 -11.73
N LYS A 201 3.17 -23.32 -12.03
CA LYS A 201 2.62 -23.22 -13.37
C LYS A 201 3.68 -22.76 -14.37
N TYR A 202 4.50 -21.79 -13.98
CA TYR A 202 5.45 -21.18 -14.91
C TYR A 202 6.82 -21.85 -14.90
N TYR A 203 7.21 -22.46 -13.78
CA TYR A 203 8.53 -23.05 -13.64
C TYR A 203 8.55 -24.55 -13.46
N MET A 204 7.40 -25.19 -13.22
CA MET A 204 7.32 -26.63 -12.98
C MET A 204 8.12 -27.06 -11.74
N ALA A 205 8.35 -26.14 -10.82
CA ALA A 205 8.99 -26.45 -9.54
C ALA A 205 8.80 -25.27 -8.62
N SER A 206 8.73 -25.54 -7.32
CA SER A 206 8.50 -24.50 -6.33
C SER A 206 9.23 -24.86 -5.04
N PRO A 207 9.85 -23.89 -4.37
CA PRO A 207 10.44 -24.18 -3.06
C PRO A 207 9.37 -24.45 -2.02
N ASP A 208 9.74 -25.25 -1.03
CA ASP A 208 8.86 -25.48 0.10
C ASP A 208 8.90 -24.30 1.06
N LEU A 209 8.03 -24.33 2.06
CA LEU A 209 7.92 -23.27 3.04
C LEU A 209 8.16 -23.81 4.44
N GLU A 210 8.91 -23.06 5.24
CA GLU A 210 9.09 -23.35 6.66
C GLU A 210 8.78 -22.08 7.44
N ILE A 211 7.94 -22.20 8.46
CA ILE A 211 7.56 -21.06 9.29
C ILE A 211 7.99 -21.36 10.72
N GLN A 212 8.61 -20.38 11.36
CA GLN A 212 8.97 -20.44 12.77
C GLN A 212 8.47 -19.17 13.44
N GLU A 213 7.81 -19.34 14.59
CA GLU A 213 7.26 -18.21 15.37
C GLU A 213 8.10 -18.03 16.62
N ILE A 214 8.41 -16.79 17.00
CA ILE A 214 9.13 -16.44 18.23
C ILE A 214 8.25 -15.44 18.95
N ASN A 215 7.49 -15.91 19.94
CA ASN A 215 6.68 -15.04 20.80
C ASN A 215 7.48 -14.83 22.08
N ALA A 216 8.24 -13.74 22.14
CA ALA A 216 9.19 -13.54 23.22
C ALA A 216 8.50 -13.54 24.58
N ALA A 217 7.39 -12.80 24.70
CA ALA A 217 6.74 -12.67 26.00
C ALA A 217 5.95 -13.91 26.39
N ASN A 218 5.35 -14.60 25.41
CA ASN A 218 4.50 -15.77 25.68
C ASN A 218 4.88 -16.87 24.69
N SER A 219 5.95 -17.58 24.99
CA SER A 219 6.45 -18.61 24.09
C SER A 219 5.39 -19.67 23.85
N LYS A 220 5.38 -20.21 22.63
CA LYS A 220 4.47 -21.27 22.19
C LYS A 220 3.03 -20.80 22.04
N GLN A 221 2.78 -19.50 22.21
CA GLN A 221 1.45 -18.93 22.00
C GLN A 221 1.37 -18.31 20.61
N PRO A 222 0.36 -18.62 19.81
CA PRO A 222 0.33 -18.10 18.43
C PRO A 222 0.35 -16.57 18.42
N ILE A 223 0.99 -16.02 17.39
CA ILE A 223 1.19 -14.58 17.28
C ILE A 223 0.01 -13.98 16.53
N HIS A 224 -0.71 -13.08 17.20
CA HIS A 224 -1.82 -12.34 16.62
C HIS A 224 -1.56 -10.84 16.73
N MET A 225 -2.27 -10.07 15.90
CA MET A 225 -2.15 -8.63 15.92
C MET A 225 -3.42 -8.02 15.34
N VAL A 226 -3.56 -6.72 15.53
CA VAL A 226 -4.59 -5.94 14.85
C VAL A 226 -3.95 -5.34 13.60
N TYR A 227 -4.49 -5.69 12.43
CA TYR A 227 -3.92 -5.19 11.19
C TYR A 227 -4.93 -5.37 10.06
N VAL A 228 -4.54 -4.88 8.88
CA VAL A 228 -5.32 -5.02 7.65
C VAL A 228 -4.75 -6.21 6.88
N PRO A 229 -5.34 -7.41 6.97
CA PRO A 229 -4.71 -8.58 6.34
C PRO A 229 -4.49 -8.44 4.84
N SER A 230 -5.33 -7.66 4.14
CA SER A 230 -5.13 -7.48 2.71
C SER A 230 -3.82 -6.77 2.42
N HIS A 231 -3.46 -5.78 3.25
CA HIS A 231 -2.17 -5.11 3.08
C HIS A 231 -1.01 -6.06 3.36
N LEU A 232 -1.11 -6.85 4.42
CA LEU A 232 -0.06 -7.79 4.75
C LEU A 232 0.11 -8.83 3.66
N TYR A 233 -1.00 -9.31 3.11
CA TYR A 233 -0.95 -10.26 1.99
C TYR A 233 -0.21 -9.66 0.81
N HIS A 234 -0.55 -8.42 0.44
CA HIS A 234 0.08 -7.78 -0.72
C HIS A 234 1.60 -7.74 -0.56
N MET A 235 2.09 -7.38 0.62
CA MET A 235 3.53 -7.33 0.84
C MET A 235 4.15 -8.72 0.78
N LEU A 236 3.56 -9.68 1.50
CA LEU A 236 4.13 -11.03 1.54
C LEU A 236 4.06 -11.69 0.16
N PHE A 237 3.00 -11.42 -0.59
CA PHE A 237 2.88 -12.01 -1.93
C PHE A 237 3.98 -11.50 -2.85
N GLU A 238 4.24 -10.19 -2.83
N GLU A 238 4.24 -10.19 -2.83
CA GLU A 238 5.31 -9.64 -3.66
CA GLU A 238 5.31 -9.65 -3.66
C GLU A 238 6.66 -10.24 -3.26
C GLU A 238 6.67 -10.22 -3.26
N LEU A 239 6.92 -10.33 -1.96
CA LEU A 239 8.20 -10.87 -1.51
C LEU A 239 8.33 -12.35 -1.86
N PHE A 240 7.25 -13.11 -1.74
CA PHE A 240 7.30 -14.53 -2.09
C PHE A 240 7.57 -14.72 -3.58
N LYS A 241 6.91 -13.93 -4.43
CA LYS A 241 7.13 -14.05 -5.86
C LYS A 241 8.59 -13.81 -6.22
N ASN A 242 9.18 -12.75 -5.66
CA ASN A 242 10.58 -12.45 -5.97
C ASN A 242 11.51 -13.52 -5.42
N ALA A 243 11.25 -14.01 -4.21
CA ALA A 243 12.13 -15.01 -3.61
C ALA A 243 12.02 -16.35 -4.33
N MET A 244 10.81 -16.73 -4.75
CA MET A 244 10.65 -17.98 -5.48
C MET A 244 11.32 -17.92 -6.86
N ARG A 245 11.11 -16.81 -7.58
CA ARG A 245 11.78 -16.65 -8.87
C ARG A 245 13.28 -16.80 -8.74
N ALA A 246 13.87 -16.11 -7.75
CA ALA A 246 15.32 -16.17 -7.59
C ALA A 246 15.77 -17.58 -7.20
N THR A 247 15.03 -18.25 -6.32
CA THR A 247 15.42 -19.58 -5.88
C THR A 247 15.39 -20.58 -7.04
N VAL A 248 14.29 -20.59 -7.80
CA VAL A 248 14.16 -21.54 -8.89
C VAL A 248 15.18 -21.26 -9.99
N GLU A 249 15.32 -20.00 -10.38
CA GLU A 249 16.20 -19.66 -11.49
C GLU A 249 17.67 -19.87 -11.13
N SER A 250 18.03 -19.71 -9.86
CA SER A 250 19.42 -19.90 -9.44
C SER A 250 19.78 -21.37 -9.21
N HIS A 251 18.81 -22.28 -9.21
CA HIS A 251 19.06 -23.70 -9.01
C HIS A 251 18.56 -24.52 -10.21
N GLU A 252 18.49 -23.90 -11.39
CA GLU A 252 17.98 -24.61 -12.56
C GLU A 252 18.85 -25.82 -12.89
N SER A 253 20.17 -25.69 -12.76
CA SER A 253 21.10 -26.78 -13.05
C SER A 253 21.42 -27.61 -11.81
N SER A 254 20.64 -27.47 -10.75
CA SER A 254 20.81 -28.24 -9.52
C SER A 254 19.52 -28.98 -9.23
N LEU A 255 19.61 -30.00 -8.37
CA LEU A 255 18.45 -30.81 -8.00
C LEU A 255 17.79 -30.33 -6.71
N ILE A 256 18.58 -30.07 -5.67
CA ILE A 256 18.03 -29.57 -4.43
C ILE A 256 17.49 -28.17 -4.64
N LEU A 257 16.29 -27.91 -4.12
CA LEU A 257 15.68 -26.58 -4.17
C LEU A 257 15.50 -26.10 -2.74
N PRO A 258 16.31 -25.14 -2.27
CA PRO A 258 16.22 -24.76 -0.86
C PRO A 258 14.85 -24.21 -0.53
N PRO A 259 14.35 -24.46 0.68
CA PRO A 259 13.07 -23.89 1.08
C PRO A 259 13.19 -22.41 1.38
N ILE A 260 12.04 -21.74 1.34
CA ILE A 260 11.94 -20.36 1.79
C ILE A 260 11.55 -20.40 3.27
N LYS A 261 12.36 -19.75 4.10
CA LYS A 261 12.17 -19.78 5.55
C LYS A 261 11.62 -18.44 6.01
N VAL A 262 10.50 -18.47 6.72
CA VAL A 262 9.87 -17.28 7.26
C VAL A 262 9.90 -17.37 8.78
N MET A 263 10.33 -16.29 9.43
CA MET A 263 10.29 -16.17 10.88
C MET A 263 9.36 -15.03 11.25
N VAL A 264 8.44 -15.29 12.18
CA VAL A 264 7.55 -14.28 12.72
C VAL A 264 7.95 -14.06 14.18
N ALA A 265 8.40 -12.85 14.48
CA ALA A 265 8.87 -12.49 15.82
C ALA A 265 7.99 -11.41 16.40
N LEU A 266 7.58 -11.59 17.65
CA LEU A 266 6.76 -10.62 18.36
C LEU A 266 7.58 -10.07 19.53
N GLY A 267 7.84 -8.78 19.52
CA GLY A 267 8.51 -8.10 20.61
C GLY A 267 7.61 -7.13 21.34
N GLU A 268 8.22 -6.33 22.21
CA GLU A 268 7.45 -5.39 23.02
C GLU A 268 6.79 -4.32 22.17
N GLU A 269 7.41 -3.94 21.05
CA GLU A 269 6.80 -2.95 20.17
C GLU A 269 6.86 -3.28 18.70
N ASP A 270 7.73 -4.20 18.26
CA ASP A 270 7.83 -4.60 16.86
C ASP A 270 7.23 -5.97 16.67
N LEU A 271 6.52 -6.15 15.55
CA LEU A 271 6.19 -7.46 15.02
C LEU A 271 6.92 -7.57 13.69
N SER A 272 7.93 -8.43 13.64
CA SER A 272 8.82 -8.54 12.50
C SER A 272 8.58 -9.85 11.76
N ILE A 273 8.64 -9.78 10.43
CA ILE A 273 8.46 -10.94 9.57
C ILE A 273 9.65 -10.96 8.61
N LYS A 274 10.54 -11.95 8.78
CA LYS A 274 11.69 -12.11 7.90
C LYS A 274 11.44 -13.25 6.93
N MET A 275 11.71 -13.00 5.65
CA MET A 275 11.64 -14.02 4.62
C MET A 275 13.04 -14.26 4.09
N SER A 276 13.56 -15.47 4.29
CA SER A 276 14.93 -15.82 3.91
C SER A 276 14.90 -16.82 2.77
N ASP A 277 15.64 -16.52 1.70
CA ASP A 277 15.77 -17.42 0.57
C ASP A 277 17.25 -17.63 0.26
N ARG A 278 17.51 -18.67 -0.54
CA ARG A 278 18.86 -18.94 -1.02
C ARG A 278 18.88 -18.84 -2.54
N GLY A 279 18.40 -17.73 -3.09
CA GLY A 279 18.27 -17.57 -4.52
C GLY A 279 19.44 -16.85 -5.17
N GLY A 280 20.62 -16.96 -4.58
CA GLY A 280 21.83 -16.40 -5.16
C GLY A 280 22.15 -14.98 -4.74
N GLY A 281 21.17 -14.24 -4.22
CA GLY A 281 21.42 -12.91 -3.72
C GLY A 281 21.58 -11.88 -4.82
N VAL A 282 21.85 -10.65 -4.39
CA VAL A 282 21.93 -9.50 -5.28
C VAL A 282 23.05 -8.59 -4.78
N PRO A 283 23.88 -8.03 -5.66
CA PRO A 283 24.91 -7.09 -5.18
C PRO A 283 24.27 -5.86 -4.55
N LEU A 284 24.97 -5.31 -3.55
CA LEU A 284 24.44 -4.17 -2.81
C LEU A 284 24.10 -3.02 -3.75
N ARG A 285 24.91 -2.82 -4.79
CA ARG A 285 24.70 -1.71 -5.71
C ARG A 285 23.30 -1.72 -6.31
N LYS A 286 22.70 -2.90 -6.50
CA LYS A 286 21.41 -3.01 -7.16
C LYS A 286 20.22 -2.90 -6.20
N ILE A 287 20.46 -2.83 -4.89
CA ILE A 287 19.34 -2.81 -3.94
C ILE A 287 18.51 -1.55 -4.11
N GLU A 288 19.17 -0.38 -4.17
CA GLU A 288 18.44 0.87 -4.28
C GLU A 288 17.60 0.92 -5.56
N ARG A 289 18.08 0.31 -6.63
CA ARG A 289 17.32 0.31 -7.88
C ARG A 289 16.03 -0.47 -7.75
N LEU A 290 16.00 -1.47 -6.88
CA LEU A 290 14.79 -2.29 -6.72
C LEU A 290 13.64 -1.47 -6.11
N PHE A 291 13.95 -0.45 -5.32
CA PHE A 291 12.93 0.40 -4.72
C PHE A 291 12.65 1.67 -5.53
N SER A 292 13.32 1.85 -6.67
CA SER A 292 13.16 3.05 -7.48
C SER A 292 12.07 2.83 -8.52
N TYR A 293 11.13 3.77 -8.60
CA TYR A 293 10.11 3.70 -9.64
C TYR A 293 10.72 3.82 -11.02
N MET A 294 11.66 4.73 -11.20
CA MET A 294 12.20 5.00 -12.52
C MET A 294 13.12 3.87 -12.98
N TYR A 295 13.98 3.37 -12.08
CA TYR A 295 14.92 2.34 -12.46
C TYR A 295 14.24 0.97 -12.61
N SER A 296 13.16 0.74 -11.88
N SER A 296 13.16 0.74 -11.88
CA SER A 296 12.39 -0.49 -12.04
CA SER A 296 12.39 -0.49 -12.04
C SER A 296 11.44 -0.44 -13.25
C SER A 296 11.44 -0.44 -13.24
N THR A 297 11.26 0.72 -13.85
CA THR A 297 10.40 0.86 -15.02
C THR A 297 11.18 0.52 -16.28
N ALA A 298 10.58 -0.33 -17.13
CA ALA A 298 11.20 -0.73 -18.38
C ALA A 298 10.10 -0.98 -19.40
N PRO A 299 10.39 -0.82 -20.70
CA PRO A 299 9.39 -1.05 -21.74
C PRO A 299 9.18 -2.53 -22.06
N GLY A 314 7.08 -3.37 -12.25
CA GLY A 314 8.07 -3.65 -11.23
C GLY A 314 7.97 -2.73 -10.03
N TYR A 315 6.75 -2.25 -9.76
CA TYR A 315 6.50 -1.38 -8.62
C TYR A 315 6.07 -2.16 -7.38
N GLY A 316 6.14 -3.49 -7.41
CA GLY A 316 5.68 -4.28 -6.28
C GLY A 316 6.42 -3.93 -4.99
N LEU A 317 7.75 -3.86 -5.07
CA LEU A 317 8.52 -3.57 -3.87
C LEU A 317 8.31 -2.14 -3.37
N PRO A 318 8.47 -1.10 -4.19
CA PRO A 318 8.27 0.26 -3.67
C PRO A 318 6.88 0.48 -3.09
N ILE A 319 5.84 -0.03 -3.75
CA ILE A 319 4.49 0.11 -3.20
C ILE A 319 4.34 -0.75 -1.96
N SER A 320 4.92 -1.96 -1.95
CA SER A 320 4.86 -2.79 -0.76
C SER A 320 5.47 -2.07 0.44
N ARG A 321 6.58 -1.37 0.23
CA ARG A 321 7.18 -0.61 1.32
C ARG A 321 6.25 0.49 1.81
N LEU A 322 5.47 1.09 0.90
CA LEU A 322 4.53 2.13 1.33
C LEU A 322 3.43 1.54 2.20
N TYR A 323 2.92 0.35 1.85
CA TYR A 323 1.94 -0.32 2.71
C TYR A 323 2.50 -0.50 4.11
N ALA A 324 3.76 -0.91 4.22
CA ALA A 324 4.36 -1.10 5.53
C ALA A 324 4.48 0.23 6.28
N LYS A 325 4.90 1.29 5.58
CA LYS A 325 5.06 2.59 6.23
C LYS A 325 3.72 3.22 6.59
N TYR A 326 2.63 2.81 5.93
CA TYR A 326 1.35 3.48 6.13
C TYR A 326 0.90 3.46 7.58
N PHE A 327 1.20 2.39 8.32
CA PHE A 327 0.91 2.31 9.75
C PHE A 327 2.19 2.28 10.58
N GLN A 328 3.16 3.10 10.19
CA GLN A 328 4.39 3.34 10.95
C GLN A 328 5.34 2.16 10.92
N GLY A 329 5.25 1.31 9.90
CA GLY A 329 6.16 0.20 9.72
C GLY A 329 7.24 0.51 8.70
N ASP A 330 7.86 -0.55 8.18
CA ASP A 330 8.87 -0.40 7.14
C ASP A 330 9.10 -1.75 6.49
N LEU A 331 9.78 -1.72 5.34
CA LEU A 331 10.14 -2.93 4.62
C LEU A 331 11.57 -2.75 4.12
N GLN A 332 12.46 -3.67 4.49
CA GLN A 332 13.88 -3.54 4.18
C GLN A 332 14.38 -4.83 3.56
N LEU A 333 15.38 -4.68 2.69
CA LEU A 333 16.00 -5.81 2.00
C LEU A 333 17.49 -5.82 2.28
N PHE A 334 18.03 -6.96 2.68
N PHE A 334 18.01 -6.99 2.65
CA PHE A 334 19.47 -7.13 2.81
CA PHE A 334 19.43 -7.21 2.88
C PHE A 334 19.87 -8.48 2.24
C PHE A 334 19.80 -8.51 2.19
N SER A 335 20.74 -8.44 1.25
CA SER A 335 21.13 -9.61 0.47
C SER A 335 22.60 -9.94 0.71
N MET A 336 22.96 -11.16 0.33
N MET A 336 22.97 -11.16 0.35
CA MET A 336 24.34 -11.65 0.38
CA MET A 336 24.36 -11.62 0.38
C MET A 336 24.63 -12.25 -0.99
C MET A 336 24.64 -12.23 -0.98
N GLU A 337 25.29 -11.46 -1.86
CA GLU A 337 25.53 -11.92 -3.21
C GLU A 337 26.28 -13.24 -3.19
N GLY A 338 25.76 -14.21 -3.94
CA GLY A 338 26.31 -15.55 -3.97
C GLY A 338 25.59 -16.54 -3.07
N PHE A 339 24.69 -16.07 -2.21
CA PHE A 339 23.99 -16.95 -1.28
C PHE A 339 22.49 -16.76 -1.36
N GLY A 340 21.98 -15.66 -0.83
CA GLY A 340 20.55 -15.45 -0.79
C GLY A 340 20.21 -14.08 -0.26
N THR A 341 18.92 -13.88 0.02
CA THR A 341 18.41 -12.57 0.39
C THR A 341 17.44 -12.71 1.56
N ASP A 342 17.49 -11.72 2.45
CA ASP A 342 16.53 -11.58 3.55
C ASP A 342 15.67 -10.34 3.30
N ALA A 343 14.35 -10.46 3.47
CA ALA A 343 13.38 -9.35 3.30
C ALA A 343 12.55 -9.20 4.57
N VAL A 344 12.72 -8.13 5.34
CA VAL A 344 12.03 -7.99 6.66
C VAL A 344 10.90 -6.97 6.65
N ILE A 345 9.66 -7.37 6.97
CA ILE A 345 8.55 -6.45 7.15
C ILE A 345 8.50 -6.09 8.63
N TYR A 346 8.63 -4.80 8.92
CA TYR A 346 8.53 -4.28 10.28
C TYR A 346 7.16 -3.65 10.47
N LEU A 347 6.39 -4.18 11.41
CA LEU A 347 5.09 -3.66 11.78
C LEU A 347 5.10 -3.27 13.26
N LYS A 348 4.17 -2.41 13.62
CA LYS A 348 3.96 -2.07 15.03
C LYS A 348 3.14 -3.17 15.68
N ALA A 349 3.61 -3.66 16.82
CA ALA A 349 2.93 -4.76 17.49
C ALA A 349 1.65 -4.30 18.18
N LEU A 350 1.60 -3.05 18.61
CA LEU A 350 0.50 -2.53 19.42
C LEU A 350 -0.39 -1.62 18.60
N SER A 351 -1.71 -1.77 18.77
CA SER A 351 -2.65 -0.93 18.04
C SER A 351 -2.52 0.54 18.41
N THR A 352 -2.03 0.83 19.62
CA THR A 352 -1.84 2.22 20.01
C THR A 352 -0.77 2.90 19.16
N ASP A 353 0.25 2.17 18.75
CA ASP A 353 1.32 2.71 17.91
C ASP A 353 0.99 2.66 16.42
N SER A 354 -0.12 2.04 16.04
CA SER A 354 -0.50 1.92 14.63
C SER A 354 -1.35 3.12 14.26
N VAL A 355 -0.72 4.12 13.64
CA VAL A 355 -1.39 5.35 13.25
C VAL A 355 -1.05 5.65 11.80
N GLU A 356 -2.03 6.19 11.07
CA GLU A 356 -1.80 6.56 9.68
C GLU A 356 -0.57 7.44 9.54
N ARG A 357 0.28 7.11 8.57
CA ARG A 357 1.36 7.98 8.14
C ARG A 357 0.95 8.60 6.81
N LEU A 358 0.72 9.90 6.80
CA LEU A 358 0.26 10.61 5.62
C LEU A 358 1.36 11.52 5.09
N PRO A 359 1.29 11.91 3.82
CA PRO A 359 2.31 12.82 3.28
C PRO A 359 2.30 14.16 4.01
N VAL A 360 3.50 14.65 4.32
CA VAL A 360 3.66 15.94 4.98
C VAL A 360 3.48 17.04 3.93
N TYR A 361 2.36 17.75 4.00
CA TYR A 361 2.09 18.83 3.07
C TYR A 361 2.48 20.18 3.66
CL CL B . -5.47 7.58 -7.12
C ACT C . -1.87 1.55 -4.13
O ACT C . -1.83 0.39 -4.64
OXT ACT C . -2.86 2.13 -3.58
CH3 ACT C . -0.55 2.36 -4.17
C ACT D . -8.54 7.01 -4.79
O ACT D . -7.84 6.17 -5.36
OXT ACT D . -8.11 8.10 -4.38
CH3 ACT D . -10.02 6.69 -4.57
S DMS E . -14.27 5.52 8.25
O DMS E . -15.37 4.79 8.94
C1 DMS E . -14.23 7.24 8.82
C2 DMS E . -12.66 4.95 8.85
S DMS F . 5.18 10.74 -13.86
O DMS F . 3.93 11.24 -14.50
C1 DMS F . 5.32 11.41 -12.18
C2 DMS F . 6.62 11.52 -14.63
NAA 42A G . 12.06 -9.00 -2.71
CAB 42A G . 12.89 -9.75 -2.98
CAI 42A G . 13.94 -10.67 -3.32
CAJ 42A G . 14.81 -10.59 -4.45
CAE 42A G . 15.00 -9.69 -5.51
CAC 42A G . 16.02 -9.98 -6.43
CAD 42A G . 16.78 -11.13 -6.24
NAG 42A G . 16.65 -12.02 -5.22
CAK 42A G . 15.65 -11.69 -4.38
NAH 42A G . 15.31 -12.42 -3.28
CAF 42A G . 14.26 -11.82 -2.62
#